data_5FC6
#
_entry.id   5FC6
#
_cell.length_a   124.351
_cell.length_b   132.888
_cell.length_c   80.519
_cell.angle_alpha   90.00
_cell.angle_beta   90.00
_cell.angle_gamma   90.00
#
_symmetry.space_group_name_H-M   'C 2 2 21'
#
loop_
_entity.id
_entity.type
_entity.pdbx_description
1 polymer 'Acid sphingomyelinase-like phosphodiesterase 3a'
2 branched 2-acetamido-2-deoxy-beta-D-glucopyranose-(1-4)-[alpha-L-fucopyranose-(1-6)]2-acetamido-2-deoxy-beta-D-glucopyranose
3 branched 2-acetamido-2-deoxy-beta-D-glucopyranose-(1-4)-2-acetamido-2-deoxy-beta-D-glucopyranose
4 branched alpha-D-mannopyranose-(1-3)-[alpha-D-mannopyranose-(1-6)]beta-D-mannopyranose-(1-4)-2-acetamido-2-deoxy-beta-D-glucopyranose-(1-4)-2-acetamido-2-deoxy-beta-D-glucopyranose
5 non-polymer 'ZINC ION'
6 non-polymer GLYCEROL
7 non-polymer 'PHOSPHOMETHYLPHOSPHONIC ACID ADENOSYL ESTER'
8 water water
#
_entity_poly.entity_id   1
_entity_poly.type   'polypeptide(L)'
_entity_poly.pdbx_seq_one_letter_code
;DRHHHHHHKLVPLAPADRAPAVGQFWHVTDLHLDPTYHITDDRTKVCASSKGANASNPGPFGDVLCDSPYQLILSAFDFI
KNSGQEASFMIWTGDSPPHVPVPELSTGTVIKVITNMTMTVQNLFPNLQVFPALGNHDYWPQDQLPIVTSKVYSAVADLW
KPWLGEEAISTLKKGGFYSQKVASNPGLRIISLNTNLYYGPNIMTLNKTDPANQFEWLENTLNSSLWNKEKVYIIAHVPV
GYLPYATDTPAIRQYYNEKLLDIFRRYSSVIAGQFYGHTHRDSLMVLSDKNGNPLNSVFVAPAVTPVKGVLQKETNNPGV
RLFQYKPGDYTLLDMVQYYLNLTEANLKGESNWTLEYVLTQAYSVADLQPKSLYALVQQFATKDSKQFLKYYHYYFVSYD
SSATCDQHCKTLQVCAIMNLDSMSYDDCLKQHL
;
_entity_poly.pdbx_strand_id   A
#
loop_
_chem_comp.id
_chem_comp.type
_chem_comp.name
_chem_comp.formula
AP2 non-polymer 'PHOSPHOMETHYLPHOSPHONIC ACID ADENOSYL ESTER' 'C11 H17 N5 O9 P2'
BMA D-saccharide, beta linking beta-D-mannopyranose 'C6 H12 O6'
FUC L-saccharide, alpha linking alpha-L-fucopyranose 'C6 H12 O5'
GOL non-polymer GLYCEROL 'C3 H8 O3'
MAN D-saccharide, alpha linking alpha-D-mannopyranose 'C6 H12 O6'
NAG D-saccharide, beta linking 2-acetamido-2-deoxy-beta-D-glucopyranose 'C8 H15 N O6'
ZN non-polymer 'ZINC ION' 'Zn 2'
#
# COMPACT_ATOMS: atom_id res chain seq x y z
N HIS A 8 -16.68 -32.94 -34.63
CA HIS A 8 -16.89 -34.12 -33.80
C HIS A 8 -15.61 -34.52 -33.04
N LYS A 9 -14.85 -33.52 -32.55
CA LYS A 9 -13.54 -33.82 -31.97
C LYS A 9 -13.16 -32.94 -30.77
N LEU A 10 -14.12 -32.33 -30.08
CA LEU A 10 -13.93 -31.83 -28.71
C LEU A 10 -12.73 -30.87 -28.58
N VAL A 11 -12.74 -29.83 -29.40
CA VAL A 11 -11.71 -28.78 -29.32
C VAL A 11 -12.26 -27.64 -28.48
N PRO A 12 -11.48 -27.02 -27.60
CA PRO A 12 -12.00 -25.88 -26.82
C PRO A 12 -12.67 -24.85 -27.72
N LEU A 13 -13.76 -24.28 -27.22
CA LEU A 13 -14.57 -23.35 -28.01
C LEU A 13 -13.86 -22.01 -28.11
N ALA A 14 -13.66 -21.55 -29.35
CA ALA A 14 -12.89 -20.34 -29.58
C ALA A 14 -13.67 -19.10 -29.13
N PRO A 15 -13.05 -18.19 -28.38
CA PRO A 15 -13.74 -16.93 -28.06
C PRO A 15 -13.88 -16.03 -29.29
N ALA A 16 -14.59 -14.92 -29.09
CA ALA A 16 -14.89 -14.00 -30.18
C ALA A 16 -13.66 -13.17 -30.55
N ASP A 17 -13.75 -12.53 -31.72
CA ASP A 17 -12.72 -11.58 -32.15
C ASP A 17 -12.74 -10.29 -31.34
N ARG A 18 -13.64 -10.17 -30.36
CA ARG A 18 -13.71 -8.99 -29.53
C ARG A 18 -12.38 -8.77 -28.80
N ALA A 19 -12.18 -7.55 -28.34
CA ALA A 19 -11.00 -7.24 -27.54
C ALA A 19 -11.14 -7.86 -26.17
N PRO A 20 -10.15 -8.63 -25.69
CA PRO A 20 -10.25 -9.19 -24.33
C PRO A 20 -10.34 -8.08 -23.29
N ALA A 21 -11.24 -8.26 -22.33
CA ALA A 21 -11.42 -7.24 -21.31
C ALA A 21 -10.18 -7.18 -20.42
N VAL A 22 -9.82 -5.98 -19.99
CA VAL A 22 -8.71 -5.83 -19.07
C VAL A 22 -9.05 -6.60 -17.80
N GLY A 23 -8.02 -7.05 -17.11
CA GLY A 23 -8.18 -7.60 -15.78
C GLY A 23 -8.11 -6.46 -14.77
N GLN A 24 -8.73 -6.68 -13.60
CA GLN A 24 -8.75 -5.67 -12.55
C GLN A 24 -8.50 -6.33 -11.19
N PHE A 25 -7.87 -5.57 -10.28
CA PHE A 25 -7.78 -6.00 -8.90
C PHE A 25 -7.84 -4.77 -8.00
N TRP A 26 -8.42 -4.96 -6.83
CA TRP A 26 -8.49 -3.93 -5.80
C TRP A 26 -7.26 -3.96 -4.90
N HIS A 27 -6.93 -2.79 -4.37
CA HIS A 27 -5.91 -2.63 -3.32
C HIS A 27 -6.51 -1.80 -2.20
N VAL A 28 -6.56 -2.37 -1.01
CA VAL A 28 -7.01 -1.66 0.19
C VAL A 28 -5.91 -1.78 1.24
N THR A 29 -5.75 -0.73 2.06
CA THR A 29 -4.67 -0.78 3.03
C THR A 29 -4.99 0.11 4.23
N ASP A 30 -4.38 -0.21 5.35
CA ASP A 30 -4.33 0.65 6.52
C ASP A 30 -5.74 1.01 7.00
N LEU A 31 -6.48 -0.05 7.31
CA LEU A 31 -7.87 0.12 7.75
C LEU A 31 -7.93 0.74 9.14
N HIS A 32 -7.05 0.32 10.05
CA HIS A 32 -6.93 0.84 11.42
C HIS A 32 -8.29 1.04 12.08
N LEU A 33 -8.99 -0.07 12.28
CA LEU A 33 -10.26 -0.04 13.02
C LEU A 33 -10.02 0.45 14.43
N ASP A 34 -10.81 1.45 14.87
CA ASP A 34 -10.85 1.80 16.29
C ASP A 34 -12.20 1.38 16.88
N PRO A 35 -12.29 0.23 17.55
CA PRO A 35 -13.57 -0.19 18.14
C PRO A 35 -14.09 0.72 19.25
N THR A 36 -13.27 1.65 19.74
CA THR A 36 -13.75 2.55 20.79
C THR A 36 -14.55 3.72 20.25
N TYR A 37 -14.62 3.89 18.92
CA TYR A 37 -15.14 5.13 18.37
C TYR A 37 -16.62 5.27 18.72
N HIS A 38 -16.97 6.43 19.26
CA HIS A 38 -18.38 6.73 19.50
C HIS A 38 -18.53 8.20 19.78
N ILE A 39 -19.57 8.81 19.22
CA ILE A 39 -19.78 10.24 19.40
C ILE A 39 -20.22 10.50 20.84
N THR A 40 -19.59 11.50 21.47
CA THR A 40 -19.91 11.82 22.85
C THR A 40 -19.56 13.28 23.08
N ASP A 41 -20.19 13.89 24.08
CA ASP A 41 -20.05 15.33 24.32
C ASP A 41 -18.61 15.70 24.61
N ASP A 42 -17.95 14.96 25.48
CA ASP A 42 -16.56 15.19 25.81
C ASP A 42 -15.74 14.62 24.65
N ARG A 43 -15.27 15.50 23.75
CA ARG A 43 -14.61 15.06 22.53
CA ARG A 43 -14.62 15.06 22.53
C ARG A 43 -13.26 14.40 22.78
N THR A 44 -12.78 14.35 24.03
CA THR A 44 -11.58 13.59 24.37
C THR A 44 -11.92 12.13 24.63
N LYS A 45 -13.19 11.77 24.52
CA LYS A 45 -13.64 10.40 24.73
C LYS A 45 -14.28 9.82 23.47
N VAL A 46 -14.22 10.54 22.35
CA VAL A 46 -14.77 10.00 21.10
C VAL A 46 -14.00 8.75 20.66
N CYS A 47 -12.68 8.77 20.78
CA CYS A 47 -11.88 7.65 20.30
C CYS A 47 -10.58 7.57 21.09
N ALA A 48 -10.22 6.36 21.50
CA ALA A 48 -8.97 6.15 22.19
C ALA A 48 -7.77 6.51 21.31
N SER A 49 -7.93 6.41 19.99
CA SER A 49 -6.80 6.68 19.12
C SER A 49 -6.43 8.17 19.08
N SER A 50 -7.29 9.08 19.54
CA SER A 50 -6.83 10.46 19.65
C SER A 50 -5.97 10.69 20.90
N LYS A 51 -5.83 9.68 21.75
CA LYS A 51 -4.93 9.71 22.89
C LYS A 51 -5.17 10.98 23.72
N GLY A 52 -6.44 11.26 23.98
CA GLY A 52 -6.80 12.33 24.88
C GLY A 52 -6.99 13.68 24.22
N ALA A 53 -6.61 13.82 22.96
CA ALA A 53 -6.93 15.04 22.25
C ALA A 53 -8.42 15.12 21.98
N ASN A 54 -8.91 16.34 21.82
CA ASN A 54 -10.28 16.55 21.40
C ASN A 54 -10.41 16.19 19.92
N ALA A 55 -11.27 15.23 19.61
CA ALA A 55 -11.69 15.07 18.23
C ALA A 55 -12.06 16.44 17.66
N SER A 56 -11.72 16.66 16.39
CA SER A 56 -11.82 17.99 15.80
C SER A 56 -13.25 18.33 15.38
N ASN A 57 -13.92 17.41 14.70
CA ASN A 57 -15.27 17.63 14.20
C ASN A 57 -15.87 16.29 13.85
N PRO A 58 -16.08 15.43 14.86
CA PRO A 58 -16.33 14.02 14.58
C PRO A 58 -17.74 13.79 14.05
N GLY A 59 -17.84 12.77 13.20
CA GLY A 59 -19.11 12.34 12.67
C GLY A 59 -19.19 10.83 12.60
N PRO A 60 -20.25 10.31 11.97
CA PRO A 60 -20.44 8.86 11.92
C PRO A 60 -19.37 8.12 11.14
N PHE A 61 -18.70 8.78 10.20
CA PHE A 61 -17.67 8.11 9.42
C PHE A 61 -16.26 8.42 9.92
N GLY A 62 -16.13 9.23 10.97
CA GLY A 62 -14.86 9.36 11.66
C GLY A 62 -14.49 10.80 11.89
N ASP A 63 -13.21 11.02 12.21
CA ASP A 63 -12.68 12.33 12.49
C ASP A 63 -11.19 12.30 12.15
N VAL A 64 -10.64 13.46 11.79
CA VAL A 64 -9.23 13.47 11.39
C VAL A 64 -8.28 13.12 12.53
N LEU A 65 -8.70 13.23 13.80
CA LEU A 65 -7.82 12.86 14.90
C LEU A 65 -8.08 11.45 15.42
N CYS A 66 -8.90 10.69 14.71
CA CYS A 66 -9.31 9.36 15.09
C CYS A 66 -9.00 8.35 13.98
N ASP A 67 -8.79 7.12 14.41
CA ASP A 67 -8.79 6.00 13.47
C ASP A 67 -10.22 5.63 13.09
N SER A 68 -10.35 4.58 12.28
CA SER A 68 -11.57 4.35 11.52
C SER A 68 -12.68 3.80 12.40
N PRO A 69 -13.86 4.44 12.43
CA PRO A 69 -15.04 3.72 12.94
C PRO A 69 -15.36 2.53 12.05
N TYR A 70 -15.92 1.48 12.65
CA TYR A 70 -16.35 0.34 11.85
C TYR A 70 -17.23 0.79 10.69
N GLN A 71 -18.06 1.81 10.91
CA GLN A 71 -18.96 2.26 9.83
C GLN A 71 -18.17 2.75 8.61
N LEU A 72 -17.02 3.41 8.83
CA LEU A 72 -16.22 3.87 7.70
C LEU A 72 -15.69 2.68 6.91
N ILE A 73 -15.15 1.69 7.61
CA ILE A 73 -14.56 0.54 6.93
C ILE A 73 -15.64 -0.22 6.19
N LEU A 74 -16.80 -0.38 6.83
CA LEU A 74 -17.91 -1.02 6.15
C LEU A 74 -18.31 -0.25 4.90
N SER A 75 -18.33 1.09 4.96
CA SER A 75 -18.73 1.85 3.78
C SER A 75 -17.75 1.66 2.63
N ALA A 76 -16.47 1.48 2.95
CA ALA A 76 -15.47 1.26 1.88
C ALA A 76 -15.69 -0.09 1.20
N PHE A 77 -15.88 -1.15 1.97
CA PHE A 77 -16.07 -2.46 1.35
C PHE A 77 -17.45 -2.58 0.70
N ASP A 78 -18.48 -1.93 1.26
CA ASP A 78 -19.77 -1.85 0.56
C ASP A 78 -19.65 -1.13 -0.77
N PHE A 79 -18.87 -0.04 -0.82
CA PHE A 79 -18.63 0.63 -2.08
C PHE A 79 -18.01 -0.32 -3.10
N ILE A 80 -16.92 -0.99 -2.73
CA ILE A 80 -16.29 -1.96 -3.62
C ILE A 80 -17.33 -2.97 -4.10
N LYS A 81 -18.10 -3.55 -3.18
CA LYS A 81 -19.02 -4.62 -3.53
C LYS A 81 -20.07 -4.15 -4.53
N ASN A 82 -20.57 -2.95 -4.36
CA ASN A 82 -21.63 -2.40 -5.20
C ASN A 82 -21.10 -1.52 -6.32
N SER A 83 -19.78 -1.52 -6.56
CA SER A 83 -19.21 -0.55 -7.49
C SER A 83 -19.53 -0.86 -8.93
N GLY A 84 -19.91 -2.10 -9.25
CA GLY A 84 -20.04 -2.52 -10.62
C GLY A 84 -18.73 -2.90 -11.30
N GLN A 85 -17.61 -2.77 -10.61
CA GLN A 85 -16.33 -3.14 -11.18
C GLN A 85 -16.10 -4.62 -10.98
N GLU A 86 -15.74 -5.32 -12.05
CA GLU A 86 -15.31 -6.70 -11.92
C GLU A 86 -13.86 -6.69 -11.46
N ALA A 87 -13.51 -7.68 -10.66
CA ALA A 87 -12.15 -7.79 -10.18
C ALA A 87 -11.90 -9.26 -9.92
N SER A 88 -10.71 -9.72 -10.27
CA SER A 88 -10.41 -11.13 -10.06
C SER A 88 -9.68 -11.39 -8.76
N PHE A 89 -9.14 -10.37 -8.09
CA PHE A 89 -8.60 -10.57 -6.75
C PHE A 89 -8.45 -9.21 -6.09
N MET A 90 -8.03 -9.24 -4.84
CA MET A 90 -7.77 -8.04 -4.05
C MET A 90 -6.46 -8.22 -3.30
N ILE A 91 -5.68 -7.15 -3.18
CA ILE A 91 -4.52 -7.15 -2.30
C ILE A 91 -4.81 -6.23 -1.12
N TRP A 92 -4.32 -6.62 0.04
CA TRP A 92 -4.68 -5.96 1.30
C TRP A 92 -3.41 -5.84 2.13
N THR A 93 -2.81 -4.65 2.20
CA THR A 93 -1.44 -4.56 2.71
C THR A 93 -1.35 -4.07 4.15
N GLY A 94 -2.29 -4.43 5.02
CA GLY A 94 -2.00 -4.51 6.45
C GLY A 94 -2.48 -3.31 7.27
N ASP A 95 -2.15 -3.41 8.58
CA ASP A 95 -2.36 -2.40 9.62
C ASP A 95 -3.82 -2.25 10.04
N SER A 96 -4.32 -3.23 10.77
CA SER A 96 -5.75 -3.28 11.14
C SER A 96 -6.07 -2.74 12.53
N PRO A 97 -5.25 -2.93 13.55
CA PRO A 97 -5.52 -2.32 14.87
C PRO A 97 -5.28 -0.82 14.87
N PRO A 98 -5.81 -0.11 15.86
CA PRO A 98 -5.71 1.35 15.89
C PRO A 98 -4.43 1.84 16.55
N HIS A 99 -4.20 3.16 16.43
CA HIS A 99 -3.03 3.82 17.00
C HIS A 99 -3.35 4.19 18.44
N VAL A 100 -3.07 3.26 19.36
CA VAL A 100 -3.22 3.48 20.79
C VAL A 100 -1.95 2.97 21.48
N PRO A 101 -1.70 3.43 22.71
CA PRO A 101 -0.48 3.00 23.42
C PRO A 101 -0.45 1.49 23.60
N VAL A 102 0.76 0.97 23.66
CA VAL A 102 0.99 -0.47 23.74
C VAL A 102 0.20 -1.09 24.90
N PRO A 103 0.13 -0.48 26.08
CA PRO A 103 -0.62 -1.13 27.19
C PRO A 103 -2.11 -1.20 26.94
N GLU A 104 -2.66 -0.47 25.99
CA GLU A 104 -4.08 -0.56 25.67
C GLU A 104 -4.38 -1.66 24.66
N LEU A 105 -3.39 -2.44 24.27
CA LEU A 105 -3.57 -3.55 23.35
C LEU A 105 -2.97 -4.80 23.97
N SER A 106 -3.06 -5.89 23.23
CA SER A 106 -2.48 -7.17 23.60
C SER A 106 -2.48 -8.04 22.37
N THR A 107 -1.77 -9.16 22.46
CA THR A 107 -1.79 -10.13 21.36
C THR A 107 -3.23 -10.56 21.05
N GLY A 108 -4.01 -10.89 22.07
CA GLY A 108 -5.38 -11.31 21.81
C GLY A 108 -6.23 -10.22 21.19
N THR A 109 -6.00 -8.97 21.59
CA THR A 109 -6.76 -7.87 21.02
C THR A 109 -6.38 -7.65 19.56
N VAL A 110 -5.08 -7.72 19.25
CA VAL A 110 -4.63 -7.54 17.87
C VAL A 110 -5.25 -8.62 16.99
N ILE A 111 -5.17 -9.88 17.45
CA ILE A 111 -5.72 -10.98 16.66
C ILE A 111 -7.22 -10.78 16.48
N LYS A 112 -7.88 -10.24 17.50
CA LYS A 112 -9.32 -10.02 17.41
C LYS A 112 -9.68 -9.00 16.34
N VAL A 113 -8.89 -7.93 16.22
CA VAL A 113 -9.18 -6.92 15.21
C VAL A 113 -8.89 -7.45 13.80
N ILE A 114 -7.75 -8.14 13.64
CA ILE A 114 -7.42 -8.72 12.33
C ILE A 114 -8.49 -9.71 11.93
N THR A 115 -8.98 -10.50 12.88
CA THR A 115 -10.06 -11.44 12.61
C THR A 115 -11.30 -10.71 12.15
N ASN A 116 -11.67 -9.64 12.84
CA ASN A 116 -12.83 -8.88 12.46
C ASN A 116 -12.69 -8.38 11.02
N MET A 117 -11.54 -7.77 10.68
CA MET A 117 -11.35 -7.28 9.32
C MET A 117 -11.37 -8.43 8.30
N THR A 118 -10.69 -9.53 8.61
CA THR A 118 -10.66 -10.65 7.70
C THR A 118 -12.07 -11.19 7.45
N MET A 119 -12.84 -11.36 8.53
CA MET A 119 -14.18 -11.93 8.41
C MET A 119 -15.13 -10.97 7.72
N THR A 120 -14.95 -9.66 7.95
CA THR A 120 -15.71 -8.67 7.19
C THR A 120 -15.50 -8.90 5.70
N VAL A 121 -14.25 -9.07 5.29
CA VAL A 121 -13.95 -9.25 3.88
C VAL A 121 -14.53 -10.58 3.38
N GLN A 122 -14.30 -11.66 4.14
CA GLN A 122 -14.74 -12.98 3.68
C GLN A 122 -16.27 -13.04 3.61
N ASN A 123 -16.96 -12.37 4.55
CA ASN A 123 -18.43 -12.35 4.52
C ASN A 123 -18.96 -11.55 3.34
N LEU A 124 -18.35 -10.41 3.02
CA LEU A 124 -18.86 -9.61 1.92
C LEU A 124 -18.42 -10.14 0.56
N PHE A 125 -17.29 -10.84 0.48
CA PHE A 125 -16.67 -11.20 -0.81
C PHE A 125 -16.35 -12.70 -0.81
N PRO A 126 -17.37 -13.55 -0.73
CA PRO A 126 -17.10 -14.97 -0.50
C PRO A 126 -16.40 -15.66 -1.65
N ASN A 127 -16.42 -15.10 -2.85
CA ASN A 127 -15.81 -15.73 -4.01
C ASN A 127 -14.56 -14.99 -4.49
N LEU A 128 -13.99 -14.10 -3.66
CA LEU A 128 -12.85 -13.27 -4.04
C LEU A 128 -11.59 -13.76 -3.35
N GLN A 129 -10.55 -14.09 -4.13
CA GLN A 129 -9.24 -14.40 -3.57
C GLN A 129 -8.58 -13.09 -3.13
N VAL A 130 -8.14 -13.06 -1.88
CA VAL A 130 -7.51 -11.87 -1.28
C VAL A 130 -6.10 -12.26 -0.85
N PHE A 131 -5.15 -11.35 -1.09
CA PHE A 131 -3.75 -11.56 -0.76
C PHE A 131 -3.36 -10.53 0.29
N PRO A 132 -3.33 -10.92 1.57
CA PRO A 132 -2.97 -9.96 2.62
C PRO A 132 -1.46 -9.93 2.85
N ALA A 133 -1.03 -8.80 3.40
CA ALA A 133 0.27 -8.67 4.01
C ALA A 133 0.09 -8.09 5.40
N LEU A 134 1.01 -8.44 6.28
CA LEU A 134 1.03 -7.90 7.63
C LEU A 134 1.60 -6.49 7.67
N GLY A 135 0.99 -5.66 8.50
CA GLY A 135 1.54 -4.34 8.80
C GLY A 135 2.22 -4.33 10.16
N ASN A 136 2.88 -3.20 10.45
CA ASN A 136 3.64 -3.10 11.70
C ASN A 136 2.73 -3.01 12.92
N HIS A 137 1.49 -2.57 12.76
CA HIS A 137 0.55 -2.58 13.87
C HIS A 137 -0.13 -3.93 14.01
N ASP A 138 0.11 -4.86 13.10
CA ASP A 138 -0.48 -6.19 13.14
C ASP A 138 0.29 -7.15 14.02
N TYR A 139 0.74 -6.67 15.18
CA TYR A 139 1.51 -7.44 16.12
C TYR A 139 1.46 -6.71 17.45
N TRP A 140 1.66 -7.47 18.54
CA TRP A 140 1.75 -6.87 19.86
C TRP A 140 3.06 -7.27 20.56
N PRO A 141 3.83 -6.29 21.05
CA PRO A 141 3.67 -4.85 20.86
C PRO A 141 3.90 -4.45 19.41
N GLN A 142 3.36 -3.30 19.02
CA GLN A 142 3.50 -2.87 17.64
C GLN A 142 4.96 -2.82 17.24
N ASP A 143 5.18 -3.10 15.96
CA ASP A 143 6.44 -2.99 15.24
C ASP A 143 7.40 -4.13 15.58
N GLN A 144 7.14 -4.94 16.61
CA GLN A 144 8.11 -5.95 17.05
C GLN A 144 7.89 -7.30 16.38
N LEU A 145 7.81 -7.30 15.07
CA LEU A 145 7.47 -8.52 14.36
C LEU A 145 8.65 -9.48 14.38
N PRO A 146 8.43 -10.74 14.76
CA PRO A 146 9.54 -11.64 15.08
C PRO A 146 10.09 -12.40 13.87
N ILE A 147 11.25 -13.02 14.09
CA ILE A 147 11.97 -13.74 13.05
C ILE A 147 11.75 -15.26 13.15
N VAL A 148 10.84 -15.69 14.03
CA VAL A 148 10.40 -17.08 14.19
C VAL A 148 8.88 -17.10 14.32
N THR A 149 8.32 -18.30 14.36
CA THR A 149 6.86 -18.40 14.44
C THR A 149 6.37 -17.78 15.73
N SER A 150 5.10 -17.37 15.71
CA SER A 150 4.49 -16.65 16.80
C SER A 150 2.99 -16.88 16.73
N LYS A 151 2.31 -16.48 17.80
CA LYS A 151 0.85 -16.63 17.86
C LYS A 151 0.14 -15.83 16.77
N VAL A 152 0.60 -14.60 16.51
CA VAL A 152 -0.02 -13.80 15.45
C VAL A 152 0.20 -14.45 14.09
N TYR A 153 1.43 -14.87 13.81
CA TYR A 153 1.69 -15.51 12.51
C TYR A 153 0.84 -16.76 12.35
N SER A 154 0.67 -17.53 13.42
CA SER A 154 -0.16 -18.73 13.34
CA SER A 154 -0.16 -18.73 13.33
C SER A 154 -1.63 -18.36 13.17
N ALA A 155 -2.09 -17.33 13.87
CA ALA A 155 -3.49 -16.91 13.74
C ALA A 155 -3.80 -16.44 12.33
N VAL A 156 -2.91 -15.64 11.70
CA VAL A 156 -3.25 -15.17 10.36
C VAL A 156 -3.11 -16.29 9.35
N ALA A 157 -2.25 -17.27 9.61
CA ALA A 157 -2.19 -18.41 8.70
C ALA A 157 -3.50 -19.17 8.70
N ASP A 158 -4.17 -19.24 9.86
CA ASP A 158 -5.48 -19.87 9.93
C ASP A 158 -6.56 -18.99 9.34
N LEU A 159 -6.49 -17.68 9.59
CA LEU A 159 -7.50 -16.77 9.06
C LEU A 159 -7.47 -16.73 7.54
N TRP A 160 -6.28 -16.77 6.95
CA TRP A 160 -6.13 -16.53 5.52
C TRP A 160 -6.07 -17.84 4.71
N LYS A 161 -6.29 -18.98 5.35
CA LYS A 161 -6.29 -20.27 4.64
C LYS A 161 -7.26 -20.32 3.47
N PRO A 162 -8.42 -19.66 3.48
CA PRO A 162 -9.32 -19.78 2.32
C PRO A 162 -8.69 -19.25 1.06
N TRP A 163 -7.66 -18.40 1.18
CA TRP A 163 -7.05 -17.72 0.03
C TRP A 163 -5.71 -18.31 -0.38
N LEU A 164 -5.09 -19.10 0.48
CA LEU A 164 -3.69 -19.47 0.35
C LEU A 164 -3.51 -20.98 0.35
N GLY A 165 -2.58 -21.46 -0.50
CA GLY A 165 -2.20 -22.86 -0.56
C GLY A 165 -1.31 -23.27 0.60
N GLU A 166 -1.01 -24.57 0.65
CA GLU A 166 -0.30 -25.14 1.79
C GLU A 166 1.08 -24.51 1.97
N GLU A 167 1.80 -24.31 0.89
CA GLU A 167 3.14 -23.78 1.00
C GLU A 167 3.12 -22.35 1.54
N ALA A 168 2.19 -21.53 1.06
CA ALA A 168 2.06 -20.15 1.56
C ALA A 168 1.71 -20.14 3.03
N ILE A 169 0.81 -21.03 3.46
CA ILE A 169 0.47 -21.09 4.87
C ILE A 169 1.70 -21.42 5.69
N SER A 170 2.56 -22.30 5.17
CA SER A 170 3.71 -22.74 5.94
CA SER A 170 3.72 -22.75 5.95
C SER A 170 4.73 -21.61 6.13
N THR A 171 5.00 -20.83 5.07
CA THR A 171 5.96 -19.72 5.24
C THR A 171 5.36 -18.57 6.03
N LEU A 172 4.05 -18.35 5.91
CA LEU A 172 3.37 -17.31 6.67
C LEU A 172 3.43 -17.60 8.16
N LYS A 173 3.17 -18.85 8.54
CA LYS A 173 3.21 -19.23 9.94
C LYS A 173 4.60 -19.04 10.54
N LYS A 174 5.65 -19.25 9.74
CA LYS A 174 7.03 -19.22 10.21
C LYS A 174 7.63 -17.81 10.22
N GLY A 175 7.28 -16.96 9.26
CA GLY A 175 7.95 -15.66 9.16
C GLY A 175 7.09 -14.49 8.73
N GLY A 176 5.81 -14.71 8.48
CA GLY A 176 4.94 -13.60 8.11
C GLY A 176 4.95 -13.21 6.64
N PHE A 177 5.43 -14.07 5.76
CA PHE A 177 5.52 -13.79 4.32
C PHE A 177 5.17 -15.06 3.55
N TYR A 178 4.83 -14.89 2.26
CA TYR A 178 4.45 -16.02 1.41
C TYR A 178 4.44 -15.56 -0.05
N SER A 179 4.44 -16.53 -0.96
CA SER A 179 4.08 -16.28 -2.33
C SER A 179 2.94 -17.24 -2.69
N GLN A 180 2.14 -16.85 -3.66
CA GLN A 180 0.92 -17.61 -3.99
C GLN A 180 0.56 -17.36 -5.45
N LYS A 181 0.41 -18.44 -6.20
CA LYS A 181 -0.17 -18.32 -7.54
C LYS A 181 -1.61 -17.81 -7.48
N VAL A 182 -1.96 -16.97 -8.45
CA VAL A 182 -3.30 -16.40 -8.51
C VAL A 182 -4.20 -17.36 -9.30
N ALA A 183 -5.20 -17.92 -8.61
CA ALA A 183 -6.03 -18.97 -9.22
C ALA A 183 -6.61 -18.51 -10.54
N SER A 184 -7.18 -17.31 -10.57
CA SER A 184 -7.90 -16.77 -11.71
C SER A 184 -6.99 -16.21 -12.78
N ASN A 185 -5.67 -16.19 -12.57
CA ASN A 185 -4.73 -15.54 -13.50
C ASN A 185 -3.48 -16.41 -13.65
N PRO A 186 -3.57 -17.49 -14.42
CA PRO A 186 -2.40 -18.35 -14.63
C PRO A 186 -1.21 -17.57 -15.19
N GLY A 187 -0.04 -17.83 -14.62
CA GLY A 187 1.17 -17.11 -14.98
C GLY A 187 1.49 -15.93 -14.07
N LEU A 188 0.60 -15.61 -13.13
CA LEU A 188 0.80 -14.50 -12.16
C LEU A 188 1.01 -15.08 -10.77
N ARG A 189 2.02 -14.57 -10.08
CA ARG A 189 2.30 -14.94 -8.70
C ARG A 189 2.37 -13.68 -7.85
N ILE A 190 1.72 -13.69 -6.68
CA ILE A 190 1.85 -12.63 -5.69
C ILE A 190 2.92 -13.02 -4.69
N ILE A 191 3.85 -12.10 -4.42
CA ILE A 191 4.81 -12.24 -3.34
C ILE A 191 4.44 -11.24 -2.27
N SER A 192 4.08 -11.73 -1.10
CA SER A 192 3.68 -10.91 0.03
C SER A 192 4.81 -10.90 1.05
N LEU A 193 5.56 -9.80 1.06
CA LEU A 193 6.69 -9.66 1.96
C LEU A 193 6.27 -9.10 3.30
N ASN A 194 7.06 -9.45 4.32
CA ASN A 194 6.98 -8.88 5.66
C ASN A 194 8.08 -7.82 5.75
N THR A 195 7.81 -6.62 5.20
CA THR A 195 8.85 -5.60 5.29
C THR A 195 8.91 -4.93 6.65
N ASN A 196 8.02 -5.31 7.57
CA ASN A 196 8.13 -4.87 8.94
C ASN A 196 9.38 -5.42 9.61
N LEU A 197 9.93 -6.51 9.08
CA LEU A 197 11.21 -7.03 9.57
C LEU A 197 12.33 -6.04 9.34
N TYR A 198 12.15 -5.09 8.41
CA TYR A 198 13.17 -4.13 8.05
C TYR A 198 12.89 -2.75 8.63
N TYR A 199 11.78 -2.60 9.34
CA TYR A 199 11.30 -1.28 9.79
C TYR A 199 12.06 -0.85 11.05
N GLY A 200 12.50 0.43 11.06
CA GLY A 200 13.39 0.95 12.09
C GLY A 200 13.06 0.59 13.52
N PRO A 201 11.80 0.74 13.92
CA PRO A 201 11.44 0.47 15.33
C PRO A 201 11.51 -1.01 15.74
N ASN A 202 11.76 -1.94 14.83
CA ASN A 202 11.72 -3.36 15.16
C ASN A 202 12.98 -3.81 15.89
N ILE A 203 12.88 -3.96 17.21
CA ILE A 203 14.02 -4.41 18.00
C ILE A 203 14.45 -5.83 17.62
N MET A 204 13.49 -6.67 17.16
CA MET A 204 13.78 -8.09 16.94
C MET A 204 14.75 -8.34 15.80
N THR A 205 14.99 -7.37 14.91
CA THR A 205 15.86 -7.58 13.75
C THR A 205 17.13 -6.75 13.77
N LEU A 206 17.42 -6.05 14.87
CA LEU A 206 18.66 -5.31 14.96
C LEU A 206 19.85 -6.20 14.67
N ASN A 207 20.72 -5.75 13.78
CA ASN A 207 21.97 -6.43 13.46
C ASN A 207 21.77 -7.80 12.79
N LYS A 208 20.61 -8.09 12.21
CA LYS A 208 20.41 -9.31 11.43
C LYS A 208 20.61 -9.03 9.94
N THR A 209 21.46 -9.82 9.30
CA THR A 209 21.69 -9.62 7.86
C THR A 209 20.52 -10.13 7.03
N ASP A 210 19.85 -11.19 7.47
CA ASP A 210 18.70 -11.76 6.75
C ASP A 210 17.67 -12.27 7.74
N PRO A 211 16.92 -11.36 8.39
CA PRO A 211 15.90 -11.77 9.37
C PRO A 211 14.83 -12.69 8.76
N ALA A 212 14.60 -13.83 9.44
CA ALA A 212 13.68 -14.87 8.99
C ALA A 212 14.03 -15.43 7.62
N ASN A 213 15.26 -15.22 7.14
CA ASN A 213 15.71 -15.74 5.85
C ASN A 213 14.86 -15.25 4.69
N GLN A 214 14.21 -14.08 4.83
CA GLN A 214 13.32 -13.62 3.78
C GLN A 214 14.07 -13.23 2.51
N PHE A 215 15.30 -12.70 2.62
CA PHE A 215 16.02 -12.34 1.41
C PHE A 215 16.38 -13.59 0.58
N GLU A 216 16.89 -14.61 1.25
CA GLU A 216 17.22 -15.86 0.56
C GLU A 216 15.97 -16.48 -0.06
N TRP A 217 14.89 -16.52 0.71
CA TRP A 217 13.62 -17.02 0.18
C TRP A 217 13.14 -16.20 -1.01
N LEU A 218 13.23 -14.87 -0.91
CA LEU A 218 12.80 -14.01 -2.01
C LEU A 218 13.62 -14.25 -3.25
N GLU A 219 14.94 -14.33 -3.08
CA GLU A 219 15.82 -14.60 -4.21
C GLU A 219 15.42 -15.90 -4.90
N ASN A 220 15.20 -16.95 -4.11
CA ASN A 220 14.86 -18.26 -4.68
C ASN A 220 13.49 -18.20 -5.37
N THR A 221 12.54 -17.52 -4.76
CA THR A 221 11.22 -17.38 -5.34
C THR A 221 11.26 -16.66 -6.69
N LEU A 222 11.98 -15.53 -6.75
CA LEU A 222 12.04 -14.77 -8.00
C LEU A 222 12.79 -15.56 -9.06
N ASN A 223 13.84 -16.28 -8.66
CA ASN A 223 14.56 -17.10 -9.63
C ASN A 223 13.65 -18.18 -10.20
N SER A 224 12.87 -18.84 -9.36
CA SER A 224 11.93 -19.83 -9.87
CA SER A 224 11.93 -19.83 -9.87
C SER A 224 10.90 -19.18 -10.80
N SER A 225 10.38 -18.00 -10.44
CA SER A 225 9.44 -17.32 -11.30
C SER A 225 10.06 -16.98 -12.65
N LEU A 226 11.32 -16.56 -12.64
CA LEU A 226 12.01 -16.22 -13.88
C LEU A 226 12.09 -17.42 -14.82
N TRP A 227 12.46 -18.57 -14.28
CA TRP A 227 12.66 -19.75 -15.11
C TRP A 227 11.36 -20.46 -15.45
N ASN A 228 10.29 -20.23 -14.68
CA ASN A 228 8.98 -20.73 -15.00
C ASN A 228 8.14 -19.75 -15.78
N LYS A 229 8.75 -18.65 -16.23
CA LYS A 229 8.08 -17.66 -17.08
C LYS A 229 6.84 -17.09 -16.41
N GLU A 230 6.89 -16.95 -15.09
CA GLU A 230 5.81 -16.24 -14.39
C GLU A 230 6.10 -14.73 -14.33
N LYS A 231 5.05 -13.97 -14.08
CA LYS A 231 5.16 -12.57 -13.67
C LYS A 231 4.78 -12.46 -12.20
N VAL A 232 5.35 -11.44 -11.52
CA VAL A 232 5.20 -11.27 -10.09
C VAL A 232 4.67 -9.87 -9.79
N TYR A 233 3.71 -9.80 -8.88
CA TYR A 233 3.34 -8.57 -8.17
C TYR A 233 3.87 -8.70 -6.75
N ILE A 234 4.71 -7.74 -6.32
CA ILE A 234 5.20 -7.65 -4.95
C ILE A 234 4.24 -6.80 -4.16
N ILE A 235 3.80 -7.30 -3.00
CA ILE A 235 3.00 -6.50 -2.08
C ILE A 235 3.66 -6.54 -0.71
N ALA A 236 3.54 -5.44 0.03
CA ALA A 236 4.09 -5.37 1.37
C ALA A 236 3.47 -4.15 2.05
N HIS A 237 3.68 -4.06 3.36
CA HIS A 237 3.21 -2.90 4.11
C HIS A 237 4.15 -1.70 3.99
N VAL A 238 5.33 -1.77 4.61
CA VAL A 238 6.27 -0.65 4.56
C VAL A 238 6.95 -0.63 3.20
N PRO A 239 7.01 0.50 2.53
CA PRO A 239 7.62 0.53 1.20
C PRO A 239 9.14 0.58 1.25
N VAL A 240 9.76 0.27 0.10
CA VAL A 240 11.15 0.65 -0.15
C VAL A 240 11.26 2.15 -0.44
N GLY A 241 12.48 2.61 -0.58
CA GLY A 241 12.71 4.00 -0.96
C GLY A 241 12.70 4.94 0.22
N TYR A 242 12.54 6.23 -0.11
CA TYR A 242 12.70 7.33 0.83
C TYR A 242 11.37 7.98 1.17
N LEU A 243 11.24 8.48 2.41
CA LEU A 243 10.04 9.20 2.80
C LEU A 243 9.94 10.49 2.01
N PRO A 244 8.80 10.79 1.38
CA PRO A 244 8.78 11.98 0.52
C PRO A 244 8.63 13.28 1.28
N TYR A 245 8.31 13.22 2.56
CA TYR A 245 8.06 14.42 3.38
C TYR A 245 9.21 14.75 4.31
N ALA A 246 10.29 13.98 4.27
CA ALA A 246 11.43 14.17 5.14
C ALA A 246 12.67 14.10 4.28
N THR A 247 13.79 14.58 4.81
CA THR A 247 15.04 14.62 4.05
C THR A 247 15.87 13.37 4.33
N ASP A 248 16.20 12.60 3.28
CA ASP A 248 17.25 11.59 3.37
C ASP A 248 16.92 10.53 4.41
N THR A 249 15.67 10.12 4.46
CA THR A 249 15.20 9.15 5.47
C THR A 249 14.59 7.95 4.76
N PRO A 250 15.29 6.83 4.67
CA PRO A 250 14.68 5.64 4.07
C PRO A 250 13.53 5.14 4.91
N ALA A 251 12.52 4.57 4.24
CA ALA A 251 11.34 4.06 4.94
C ALA A 251 11.65 2.82 5.77
N ILE A 252 12.57 1.97 5.32
CA ILE A 252 13.10 0.87 6.10
C ILE A 252 14.59 1.16 6.34
N ARG A 253 15.22 0.39 7.22
CA ARG A 253 16.64 0.63 7.49
C ARG A 253 17.47 0.61 6.20
N GLN A 254 18.40 1.57 6.10
CA GLN A 254 19.17 1.74 4.88
C GLN A 254 19.80 0.43 4.39
N TYR A 255 20.37 -0.36 5.31
CA TYR A 255 21.01 -1.61 4.92
C TYR A 255 20.01 -2.51 4.19
N TYR A 256 18.80 -2.57 4.69
CA TYR A 256 17.80 -3.43 4.08
C TYR A 256 17.24 -2.82 2.80
N ASN A 257 17.02 -1.51 2.78
CA ASN A 257 16.58 -0.86 1.55
C ASN A 257 17.57 -1.14 0.41
N GLU A 258 18.87 -0.96 0.66
CA GLU A 258 19.83 -1.18 -0.42
C GLU A 258 19.78 -2.63 -0.90
N LYS A 259 19.71 -3.57 0.03
CA LYS A 259 19.72 -5.00 -0.28
C LYS A 259 18.46 -5.42 -1.02
N LEU A 260 17.31 -4.92 -0.58
CA LEU A 260 16.07 -5.28 -1.24
C LEU A 260 15.99 -4.68 -2.64
N LEU A 261 16.44 -3.44 -2.79
CA LEU A 261 16.41 -2.81 -4.10
C LEU A 261 17.31 -3.53 -5.09
N ASP A 262 18.46 -4.05 -4.63
CA ASP A 262 19.32 -4.75 -5.57
C ASP A 262 18.65 -6.02 -6.09
N ILE A 263 17.92 -6.74 -5.23
CA ILE A 263 17.15 -7.90 -5.68
C ILE A 263 16.11 -7.45 -6.70
N PHE A 264 15.36 -6.39 -6.39
CA PHE A 264 14.34 -5.93 -7.32
C PHE A 264 14.94 -5.50 -8.67
N ARG A 265 16.12 -4.85 -8.67
CA ARG A 265 16.70 -4.43 -9.94
C ARG A 265 17.09 -5.65 -10.76
N ARG A 266 17.66 -6.65 -10.11
CA ARG A 266 18.08 -7.85 -10.81
C ARG A 266 16.89 -8.60 -11.41
N TYR A 267 15.73 -8.54 -10.76
CA TYR A 267 14.54 -9.25 -11.23
C TYR A 267 13.46 -8.32 -11.78
N SER A 268 13.86 -7.14 -12.26
CA SER A 268 12.88 -6.20 -12.79
C SER A 268 12.16 -6.75 -14.00
N SER A 269 12.74 -7.70 -14.74
CA SER A 269 12.04 -8.23 -15.90
C SER A 269 10.88 -9.15 -15.51
N VAL A 270 10.89 -9.69 -14.31
CA VAL A 270 9.84 -10.57 -13.81
C VAL A 270 8.80 -9.81 -13.01
N ILE A 271 9.22 -8.74 -12.34
CA ILE A 271 8.33 -8.01 -11.42
C ILE A 271 7.53 -6.99 -12.22
N ALA A 272 6.20 -7.20 -12.28
CA ALA A 272 5.35 -6.37 -13.09
C ALA A 272 4.65 -5.31 -12.27
N GLY A 273 4.82 -5.33 -10.96
CA GLY A 273 4.27 -4.30 -10.11
C GLY A 273 4.75 -4.46 -8.70
N GLN A 274 4.82 -3.33 -7.97
CA GLN A 274 5.06 -3.30 -6.55
C GLN A 274 4.01 -2.42 -5.90
N PHE A 275 3.44 -2.89 -4.79
CA PHE A 275 2.28 -2.23 -4.17
C PHE A 275 2.49 -2.17 -2.68
N TYR A 276 2.46 -0.97 -2.11
CA TYR A 276 2.73 -0.78 -0.69
C TYR A 276 1.67 0.10 -0.02
N GLY A 277 1.68 0.05 1.31
CA GLY A 277 0.89 0.95 2.15
C GLY A 277 1.73 1.73 3.14
N HIS A 278 1.29 1.76 4.43
CA HIS A 278 2.00 2.36 5.56
C HIS A 278 2.10 3.89 5.59
N THR A 279 2.26 4.55 4.44
CA THR A 279 2.45 5.99 4.50
C THR A 279 1.13 6.74 4.60
N HIS A 280 0.03 6.09 4.29
CA HIS A 280 -1.31 6.70 4.29
C HIS A 280 -1.42 7.79 3.26
N ARG A 281 -0.59 7.76 2.23
CA ARG A 281 -0.58 8.79 1.20
C ARG A 281 -0.58 8.11 -0.16
N ASP A 282 -0.94 8.87 -1.19
CA ASP A 282 -0.93 8.42 -2.57
C ASP A 282 0.40 8.86 -3.18
N SER A 283 1.29 7.89 -3.41
CA SER A 283 2.65 8.20 -3.90
C SER A 283 3.05 7.23 -4.99
N LEU A 284 3.87 7.74 -5.92
CA LEU A 284 4.52 6.99 -6.98
C LEU A 284 6.01 6.88 -6.68
N MET A 285 6.63 5.77 -7.08
CA MET A 285 8.07 5.69 -7.14
C MET A 285 8.43 4.96 -8.42
N VAL A 286 9.60 5.27 -8.94
CA VAL A 286 10.11 4.56 -10.13
C VAL A 286 11.52 4.11 -9.78
N LEU A 287 11.70 2.80 -9.63
CA LEU A 287 13.02 2.24 -9.43
C LEU A 287 13.79 2.30 -10.75
N SER A 288 14.99 2.86 -10.70
CA SER A 288 15.86 3.03 -11.87
C SER A 288 17.23 2.44 -11.57
N ASP A 289 18.02 2.28 -12.63
CA ASP A 289 19.39 1.84 -12.45
C ASP A 289 20.23 3.04 -12.04
N LYS A 290 21.53 2.80 -11.83
CA LYS A 290 22.43 3.84 -11.36
C LYS A 290 22.52 4.98 -12.36
N ASN A 291 22.29 4.69 -13.64
CA ASN A 291 22.37 5.70 -14.69
C ASN A 291 21.03 6.37 -14.99
N GLY A 292 19.98 6.15 -14.19
CA GLY A 292 18.71 6.84 -14.42
C GLY A 292 17.78 6.16 -15.43
N ASN A 293 18.04 4.92 -15.79
CA ASN A 293 17.15 4.20 -16.69
C ASN A 293 16.04 3.54 -15.87
N PRO A 294 14.78 3.80 -16.18
CA PRO A 294 13.68 3.23 -15.38
C PRO A 294 13.56 1.72 -15.54
N LEU A 295 13.35 1.06 -14.41
CA LEU A 295 13.27 -0.39 -14.32
C LEU A 295 11.95 -0.91 -13.77
N ASN A 296 11.33 -0.23 -12.80
CA ASN A 296 10.18 -0.86 -12.13
C ASN A 296 9.29 0.19 -11.47
N SER A 297 7.98 0.07 -11.66
CA SER A 297 7.03 1.05 -11.15
C SER A 297 6.54 0.62 -9.78
N VAL A 298 6.34 1.59 -8.87
CA VAL A 298 5.98 1.33 -7.48
C VAL A 298 4.80 2.22 -7.11
N PHE A 299 3.78 1.63 -6.47
CA PHE A 299 2.53 2.34 -6.19
C PHE A 299 2.21 2.24 -4.71
N VAL A 300 2.25 3.38 -4.00
CA VAL A 300 1.95 3.44 -2.58
C VAL A 300 0.53 3.97 -2.47
N ALA A 301 -0.33 3.19 -1.83
CA ALA A 301 -1.77 3.53 -1.76
C ALA A 301 -2.11 4.21 -0.45
N PRO A 302 -3.03 5.18 -0.51
CA PRO A 302 -3.47 5.85 0.73
C PRO A 302 -4.38 4.95 1.55
N ALA A 303 -4.57 5.35 2.80
CA ALA A 303 -5.25 4.56 3.79
C ALA A 303 -6.77 4.80 3.75
N VAL A 304 -7.51 3.86 4.34
CA VAL A 304 -8.93 4.09 4.65
C VAL A 304 -9.06 5.01 5.88
N THR A 305 -8.26 4.77 6.93
CA THR A 305 -8.28 5.69 8.08
C THR A 305 -7.83 7.09 7.65
N PRO A 306 -8.45 8.14 8.20
CA PRO A 306 -8.01 9.53 7.99
C PRO A 306 -7.12 10.08 9.10
N VAL A 307 -6.69 9.25 10.05
CA VAL A 307 -6.06 9.72 11.27
C VAL A 307 -4.81 10.55 10.99
N LYS A 308 -4.62 11.60 11.81
CA LYS A 308 -3.37 12.34 11.87
CA LYS A 308 -3.37 12.34 11.87
C LYS A 308 -3.10 12.68 13.33
N GLY A 309 -1.87 13.05 13.61
CA GLY A 309 -1.56 13.57 14.93
C GLY A 309 -1.91 15.04 15.04
N VAL A 310 -1.99 15.55 16.28
CA VAL A 310 -2.33 16.96 16.46
C VAL A 310 -1.30 17.85 15.79
N LEU A 311 -0.03 17.42 15.77
CA LEU A 311 1.03 18.27 15.23
C LEU A 311 1.01 18.40 13.72
N GLN A 312 0.24 17.56 13.02
CA GLN A 312 0.26 17.54 11.57
C GLN A 312 -0.79 18.48 11.03
N LYS A 313 -0.43 19.21 9.97
CA LYS A 313 -1.38 20.13 9.35
C LYS A 313 -2.39 19.40 8.47
N GLU A 314 -1.91 18.51 7.61
CA GLU A 314 -2.72 17.84 6.61
C GLU A 314 -2.92 16.38 6.98
N THR A 315 -3.93 15.77 6.37
CA THR A 315 -4.11 14.35 6.44
C THR A 315 -4.72 13.91 5.12
N ASN A 316 -5.08 12.61 5.02
CA ASN A 316 -5.71 12.10 3.82
C ASN A 316 -7.21 11.98 4.04
N ASN A 317 -7.96 12.09 2.94
CA ASN A 317 -9.26 11.48 2.89
C ASN A 317 -9.11 9.96 2.77
N PRO A 318 -10.08 9.21 3.28
CA PRO A 318 -10.13 7.77 3.01
C PRO A 318 -10.06 7.45 1.53
N GLY A 319 -9.32 6.38 1.19
CA GLY A 319 -9.19 5.97 -0.19
C GLY A 319 -9.17 4.45 -0.33
N VAL A 320 -9.62 3.99 -1.51
CA VAL A 320 -9.39 2.62 -1.99
C VAL A 320 -9.10 2.73 -3.48
N ARG A 321 -8.39 1.75 -4.03
CA ARG A 321 -8.01 1.87 -5.44
C ARG A 321 -8.11 0.54 -6.18
N LEU A 322 -8.15 0.69 -7.50
CA LEU A 322 -8.33 -0.40 -8.46
CA LEU A 322 -8.32 -0.41 -8.45
C LEU A 322 -7.25 -0.32 -9.53
N PHE A 323 -6.59 -1.45 -9.83
CA PHE A 323 -5.68 -1.50 -10.95
C PHE A 323 -6.28 -2.26 -12.12
N GLN A 324 -5.89 -1.85 -13.32
CA GLN A 324 -6.18 -2.54 -14.57
C GLN A 324 -4.90 -3.10 -15.16
N TYR A 325 -4.98 -4.32 -15.71
CA TYR A 325 -3.80 -4.98 -16.25
C TYR A 325 -4.19 -5.77 -17.50
N LYS A 326 -3.17 -6.11 -18.26
CA LYS A 326 -3.34 -6.88 -19.49
C LYS A 326 -3.51 -8.37 -19.17
N PRO A 327 -4.60 -9.00 -19.58
CA PRO A 327 -4.83 -10.38 -19.16
C PRO A 327 -3.79 -11.30 -19.74
N GLY A 328 -3.44 -12.31 -18.95
CA GLY A 328 -2.42 -13.28 -19.32
C GLY A 328 -1.05 -12.68 -19.53
N ASP A 329 -0.90 -11.37 -19.27
CA ASP A 329 0.36 -10.69 -19.55
C ASP A 329 0.84 -9.92 -18.31
N TYR A 330 -0.09 -9.21 -17.69
CA TYR A 330 0.00 -8.64 -16.33
C TYR A 330 0.73 -7.31 -16.30
N THR A 331 1.07 -6.76 -17.46
CA THR A 331 1.48 -5.37 -17.57
C THR A 331 0.37 -4.46 -17.04
N LEU A 332 0.77 -3.51 -16.20
CA LEU A 332 -0.20 -2.61 -15.61
C LEU A 332 -0.63 -1.54 -16.60
N LEU A 333 -1.95 -1.40 -16.80
CA LEU A 333 -2.50 -0.46 -17.77
C LEU A 333 -2.98 0.83 -17.15
N ASP A 334 -3.56 0.77 -15.94
CA ASP A 334 -4.15 1.95 -15.32
C ASP A 334 -4.37 1.72 -13.84
N MET A 335 -4.63 2.82 -13.16
CA MET A 335 -5.00 2.84 -11.75
CA MET A 335 -5.00 2.83 -11.76
C MET A 335 -6.13 3.82 -11.59
N VAL A 336 -7.17 3.41 -10.88
CA VAL A 336 -8.32 4.23 -10.54
C VAL A 336 -8.36 4.40 -9.03
N GLN A 337 -8.24 5.65 -8.57
CA GLN A 337 -8.29 5.97 -7.15
C GLN A 337 -9.69 6.46 -6.80
N TYR A 338 -10.31 5.82 -5.83
CA TYR A 338 -11.58 6.26 -5.26
C TYR A 338 -11.35 6.87 -3.87
N TYR A 339 -12.28 7.72 -3.43
CA TYR A 339 -12.13 8.32 -2.12
C TYR A 339 -13.48 8.66 -1.52
N LEU A 340 -13.44 8.94 -0.22
CA LEU A 340 -14.58 9.47 0.51
C LEU A 340 -14.25 10.89 0.96
N ASN A 341 -15.09 11.85 0.61
CA ASN A 341 -14.96 13.17 1.18
C ASN A 341 -15.54 13.12 2.57
N LEU A 342 -14.66 13.02 3.57
CA LEU A 342 -15.10 12.71 4.92
C LEU A 342 -15.94 13.84 5.49
N THR A 343 -15.55 15.10 5.27
CA THR A 343 -16.35 16.20 5.83
CA THR A 343 -16.34 16.21 5.83
C THR A 343 -17.75 16.23 5.22
N GLU A 344 -17.84 16.05 3.90
CA GLU A 344 -19.16 16.02 3.26
C GLU A 344 -20.00 14.86 3.81
N ALA A 345 -19.41 13.67 3.93
CA ALA A 345 -20.14 12.50 4.41
C ALA A 345 -20.64 12.71 5.84
N ASN A 346 -19.80 13.30 6.70
CA ASN A 346 -20.18 13.50 8.10
C ASN A 346 -21.29 14.54 8.24
N LEU A 347 -21.30 15.56 7.38
CA LEU A 347 -22.26 16.65 7.54
C LEU A 347 -23.68 16.19 7.27
N LYS A 348 -23.88 15.40 6.21
CA LYS A 348 -25.19 14.88 5.86
C LYS A 348 -25.43 13.48 6.39
N GLY A 349 -24.38 12.78 6.83
CA GLY A 349 -24.57 11.49 7.47
C GLY A 349 -24.70 10.33 6.51
N GLU A 350 -24.27 10.52 5.26
CA GLU A 350 -24.36 9.49 4.24
C GLU A 350 -23.08 9.53 3.41
N SER A 351 -22.53 8.36 3.13
CA SER A 351 -21.28 8.31 2.39
C SER A 351 -21.54 8.33 0.88
N ASN A 352 -20.58 8.89 0.14
CA ASN A 352 -20.59 8.90 -1.30
C ASN A 352 -19.16 8.61 -1.78
N TRP A 353 -18.70 7.38 -1.62
CA TRP A 353 -17.43 6.98 -2.23
C TRP A 353 -17.47 7.23 -3.71
N THR A 354 -16.44 7.89 -4.22
CA THR A 354 -16.53 8.36 -5.58
C THR A 354 -15.14 8.39 -6.21
N LEU A 355 -15.14 8.50 -7.53
CA LEU A 355 -13.89 8.54 -8.29
C LEU A 355 -13.09 9.79 -7.94
N GLU A 356 -11.83 9.59 -7.59
CA GLU A 356 -10.94 10.74 -7.47
C GLU A 356 -10.27 11.01 -8.80
N TYR A 357 -9.59 10.02 -9.36
CA TYR A 357 -8.98 10.19 -10.68
C TYR A 357 -8.62 8.84 -11.26
N VAL A 358 -8.47 8.82 -12.58
CA VAL A 358 -7.88 7.73 -13.36
C VAL A 358 -6.49 8.19 -13.73
N LEU A 359 -5.47 7.40 -13.39
CA LEU A 359 -4.10 7.88 -13.57
C LEU A 359 -3.81 8.30 -15.03
N THR A 360 -4.13 7.45 -16.02
CA THR A 360 -3.77 7.82 -17.40
C THR A 360 -4.43 9.12 -17.83
N GLN A 361 -5.65 9.36 -17.37
CA GLN A 361 -6.41 10.56 -17.75
C GLN A 361 -5.88 11.79 -17.02
N ALA A 362 -5.60 11.64 -15.71
CA ALA A 362 -5.13 12.77 -14.92
C ALA A 362 -3.81 13.30 -15.45
N TYR A 363 -2.91 12.40 -15.85
CA TYR A 363 -1.55 12.76 -16.17
C TYR A 363 -1.21 12.64 -17.65
N SER A 364 -2.17 12.22 -18.48
CA SER A 364 -1.95 12.08 -19.92
C SER A 364 -0.76 11.16 -20.23
N VAL A 365 -0.77 9.97 -19.63
CA VAL A 365 0.22 8.95 -19.92
C VAL A 365 -0.50 7.76 -20.51
N ALA A 366 0.27 6.94 -21.25
CA ALA A 366 -0.31 5.83 -22.02
C ALA A 366 -0.63 4.62 -21.15
N ASP A 367 0.16 4.37 -20.13
CA ASP A 367 0.04 3.19 -19.29
C ASP A 367 0.94 3.41 -18.09
N LEU A 368 1.16 2.36 -17.31
CA LEU A 368 1.88 2.44 -16.05
C LEU A 368 3.28 1.82 -16.13
N GLN A 369 3.79 1.63 -17.34
CA GLN A 369 5.10 1.06 -17.47
C GLN A 369 6.16 2.04 -16.96
N PRO A 370 7.30 1.51 -16.50
CA PRO A 370 8.34 2.38 -15.91
C PRO A 370 8.74 3.54 -16.80
N LYS A 371 8.85 3.31 -18.11
CA LYS A 371 9.25 4.41 -18.99
C LYS A 371 8.16 5.47 -19.08
N SER A 372 6.89 5.06 -19.05
CA SER A 372 5.82 6.05 -19.12
C SER A 372 5.76 6.90 -17.87
N LEU A 373 5.94 6.29 -16.69
CA LEU A 373 5.89 7.07 -15.47
C LEU A 373 7.16 7.90 -15.30
N TYR A 374 8.29 7.38 -15.77
CA TYR A 374 9.54 8.15 -15.70
C TYR A 374 9.39 9.47 -16.43
N ALA A 375 8.80 9.42 -17.62
CA ALA A 375 8.59 10.63 -18.39
C ALA A 375 7.65 11.57 -17.67
N LEU A 376 6.63 11.03 -16.99
CA LEU A 376 5.73 11.88 -16.21
C LEU A 376 6.47 12.59 -15.09
N VAL A 377 7.26 11.85 -14.32
CA VAL A 377 7.89 12.48 -13.16
CA VAL A 377 7.87 12.48 -13.17
C VAL A 377 8.97 13.46 -13.59
N GLN A 378 9.57 13.25 -14.76
CA GLN A 378 10.46 14.29 -15.31
CA GLN A 378 10.46 14.29 -15.31
C GLN A 378 9.71 15.59 -15.53
N GLN A 379 8.43 15.51 -15.93
CA GLN A 379 7.63 16.74 -16.04
C GLN A 379 7.47 17.40 -14.68
N PHE A 380 7.25 16.59 -13.63
CA PHE A 380 7.03 17.15 -12.29
C PHE A 380 8.14 18.13 -11.93
N ALA A 381 9.36 17.81 -12.35
CA ALA A 381 10.53 18.56 -11.95
C ALA A 381 10.58 19.95 -12.58
N THR A 382 9.76 20.23 -13.58
CA THR A 382 9.82 21.54 -14.21
C THR A 382 9.19 22.59 -13.31
N LYS A 383 9.72 23.81 -13.42
CA LYS A 383 9.25 24.90 -12.57
C LYS A 383 7.75 25.12 -12.75
N ASP A 384 7.04 25.18 -11.63
CA ASP A 384 5.59 25.43 -11.61
C ASP A 384 4.79 24.36 -12.35
N SER A 385 5.34 23.16 -12.46
CA SER A 385 4.64 22.04 -13.10
C SER A 385 3.20 21.92 -12.62
N LYS A 386 2.26 22.04 -13.55
CA LYS A 386 0.88 21.78 -13.19
C LYS A 386 0.63 20.30 -12.91
N GLN A 387 1.41 19.42 -13.53
CA GLN A 387 1.29 18.00 -13.23
C GLN A 387 1.67 17.72 -11.78
N PHE A 388 2.77 18.33 -11.31
CA PHE A 388 3.17 18.13 -9.92
C PHE A 388 2.15 18.71 -8.96
N LEU A 389 1.59 19.88 -9.27
CA LEU A 389 0.57 20.45 -8.40
C LEU A 389 -0.60 19.50 -8.23
N LYS A 390 -1.01 18.87 -9.33
CA LYS A 390 -2.09 17.90 -9.26
C LYS A 390 -1.69 16.70 -8.41
N TYR A 391 -0.47 16.21 -8.61
CA TYR A 391 0.04 15.10 -7.82
C TYR A 391 0.07 15.42 -6.34
N TYR A 392 0.51 16.64 -5.98
CA TYR A 392 0.55 17.01 -4.56
C TYR A 392 -0.87 17.09 -3.97
N HIS A 393 -1.87 17.50 -4.76
CA HIS A 393 -3.23 17.49 -4.27
CA HIS A 393 -3.25 17.49 -4.29
C HIS A 393 -3.74 16.07 -4.04
N TYR A 394 -3.37 15.14 -4.92
CA TYR A 394 -3.78 13.74 -4.81
C TYR A 394 -2.99 13.01 -3.73
N TYR A 395 -1.81 13.51 -3.37
CA TYR A 395 -0.99 12.88 -2.34
C TYR A 395 -1.76 12.77 -1.02
N PHE A 396 -2.58 13.78 -0.70
CA PHE A 396 -3.46 13.78 0.47
C PHE A 396 -4.89 13.33 0.14
N VAL A 397 -5.07 12.72 -1.02
CA VAL A 397 -6.38 12.24 -1.49
C VAL A 397 -7.36 13.42 -1.46
N SER A 398 -6.93 14.55 -1.99
CA SER A 398 -7.79 15.73 -2.20
C SER A 398 -8.32 16.30 -0.88
N TYR A 399 -7.62 16.06 0.23
CA TYR A 399 -8.02 16.61 1.52
C TYR A 399 -8.07 18.13 1.50
N ASP A 400 -7.10 18.77 0.86
CA ASP A 400 -6.93 20.22 0.99
C ASP A 400 -6.47 20.78 -0.36
N SER A 401 -7.42 21.32 -1.13
CA SER A 401 -7.06 21.90 -2.42
C SER A 401 -6.12 23.10 -2.30
N SER A 402 -6.05 23.72 -1.13
CA SER A 402 -5.20 24.89 -0.97
C SER A 402 -3.83 24.52 -0.42
N ALA A 403 -3.55 23.24 -0.17
CA ALA A 403 -2.24 22.86 0.33
C ALA A 403 -1.17 23.21 -0.70
N THR A 404 -0.06 23.75 -0.22
CA THR A 404 1.02 24.21 -1.07
C THR A 404 2.30 23.49 -0.70
N CYS A 405 3.19 23.37 -1.68
CA CYS A 405 4.44 22.64 -1.54
C CYS A 405 5.55 23.59 -2.01
N ASP A 406 6.31 24.15 -1.08
CA ASP A 406 7.33 25.12 -1.44
C ASP A 406 8.54 24.42 -2.06
N GLN A 407 9.60 25.18 -2.33
CA GLN A 407 10.71 24.64 -3.10
C GLN A 407 11.33 23.45 -2.39
N HIS A 408 11.56 23.58 -1.08
CA HIS A 408 12.18 22.49 -0.32
C HIS A 408 11.26 21.27 -0.28
N CYS A 409 9.98 21.50 0.00
CA CYS A 409 8.99 20.41 0.00
CA CYS A 409 9.01 20.41 0.01
C CYS A 409 9.00 19.66 -1.32
N LYS A 410 9.03 20.39 -2.43
CA LYS A 410 8.94 19.76 -3.75
C LYS A 410 10.21 19.01 -4.08
N THR A 411 11.38 19.56 -3.73
CA THR A 411 12.61 18.82 -3.94
C THR A 411 12.56 17.48 -3.22
N LEU A 412 12.08 17.49 -1.98
CA LEU A 412 11.99 16.23 -1.23
C LEU A 412 11.04 15.25 -1.93
N GLN A 413 9.88 15.74 -2.37
CA GLN A 413 8.92 14.86 -3.06
C GLN A 413 9.52 14.30 -4.33
N VAL A 414 10.02 15.16 -5.21
CA VAL A 414 10.48 14.68 -6.51
C VAL A 414 11.70 13.78 -6.36
N CYS A 415 12.58 14.11 -5.43
CA CYS A 415 13.77 13.27 -5.25
CA CYS A 415 13.76 13.28 -5.22
C CYS A 415 13.38 11.87 -4.78
N ALA A 416 12.37 11.76 -3.91
CA ALA A 416 11.95 10.45 -3.43
C ALA A 416 11.21 9.66 -4.49
N ILE A 417 10.50 10.34 -5.40
CA ILE A 417 9.76 9.62 -6.43
C ILE A 417 10.73 8.90 -7.34
N MET A 418 11.83 9.56 -7.67
CA MET A 418 12.72 9.12 -8.73
CA MET A 418 12.73 9.12 -8.72
C MET A 418 13.94 8.34 -8.24
N ASN A 419 14.33 8.48 -6.97
CA ASN A 419 15.60 7.93 -6.50
C ASN A 419 15.39 7.08 -5.26
N LEU A 420 15.39 5.75 -5.42
CA LEU A 420 15.02 4.88 -4.32
C LEU A 420 16.19 4.47 -3.47
N ASP A 421 17.41 4.51 -4.01
CA ASP A 421 18.63 4.11 -3.33
C ASP A 421 19.41 5.35 -2.86
N SER A 422 20.31 5.13 -1.90
CA SER A 422 20.95 6.26 -1.24
CA SER A 422 20.97 6.25 -1.23
C SER A 422 21.84 7.05 -2.19
N MET A 423 22.61 6.37 -3.04
CA MET A 423 23.51 7.10 -3.93
CA MET A 423 23.51 7.10 -3.93
C MET A 423 22.74 8.03 -4.86
N SER A 424 21.66 7.52 -5.48
CA SER A 424 20.93 8.37 -6.40
CA SER A 424 20.91 8.35 -6.41
C SER A 424 20.16 9.45 -5.65
N TYR A 425 19.62 9.12 -4.46
CA TYR A 425 18.84 10.09 -3.71
C TYR A 425 19.73 11.25 -3.27
N ASP A 426 20.89 10.94 -2.69
CA ASP A 426 21.78 12.00 -2.22
C ASP A 426 22.30 12.84 -3.37
N ASP A 427 22.54 12.22 -4.52
CA ASP A 427 22.94 13.00 -5.70
CA ASP A 427 22.94 13.00 -5.70
C ASP A 427 21.83 13.94 -6.12
N CYS A 428 20.58 13.51 -6.03
CA CYS A 428 19.46 14.38 -6.37
C CYS A 428 19.39 15.57 -5.43
N LEU A 429 19.59 15.34 -4.14
CA LEU A 429 19.66 16.46 -3.20
C LEU A 429 20.78 17.40 -3.57
N LYS A 430 21.96 16.85 -3.83
CA LYS A 430 23.10 17.70 -4.20
C LYS A 430 22.74 18.62 -5.35
N GLN A 431 22.05 18.09 -6.35
CA GLN A 431 21.74 18.88 -7.53
C GLN A 431 20.60 19.87 -7.31
N HIS A 432 19.65 19.59 -6.41
CA HIS A 432 18.40 20.33 -6.42
C HIS A 432 18.05 21.00 -5.13
N LEU A 433 18.79 20.78 -4.05
CA LEU A 433 18.47 21.49 -2.80
C LEU A 433 18.60 23.01 -2.99
C1 NAG B . -11.03 19.64 24.95
C2 NAG B . -9.87 20.29 25.72
C3 NAG B . -10.36 20.93 27.02
C4 NAG B . -11.54 21.85 26.76
C5 NAG B . -12.63 21.08 25.99
C6 NAG B . -13.76 21.96 25.54
C7 NAG B . -7.73 19.21 25.27
C8 NAG B . -6.76 18.16 25.70
N2 NAG B . -8.84 19.31 26.00
O3 NAG B . -9.31 21.71 27.58
O4 NAG B . -12.01 22.33 28.01
O5 NAG B . -12.06 20.57 24.78
O6 NAG B . -13.25 22.93 24.64
O7 NAG B . -7.52 19.93 24.31
H1 NAG B . -11.36 18.87 25.46
H2 NAG B . -9.49 20.99 25.17
H3 NAG B . -10.62 20.23 27.64
H4 NAG B . -11.26 22.60 26.21
H5 NAG B . -12.97 20.35 26.54
H61 NAG B . -14.44 21.42 25.10
H62 NAG B . -14.16 22.41 26.31
H81 NAG B . -5.99 18.16 25.10
H82 NAG B . -7.19 17.28 25.65
H83 NAG B . -6.47 18.33 26.61
HN2 NAG B . -8.95 18.75 26.71
HO3 NAG B . -8.70 21.16 27.95
C1 NAG B . -12.50 23.70 27.93
C2 NAG B . -12.84 24.00 29.35
C3 NAG B . -13.71 25.24 29.36
C4 NAG B . -12.98 26.40 28.66
C5 NAG B . -11.77 26.04 27.76
C6 NAG B . -10.46 26.55 28.32
C7 NAG B . -14.70 22.39 29.60
C8 NAG B . -15.17 21.18 30.35
N2 NAG B . -13.50 22.87 29.97
O3 NAG B . -14.00 25.59 30.71
O4 NAG B . -13.92 27.12 27.87
O5 NAG B . -11.54 24.63 27.48
O6 NAG B . -9.96 25.66 29.30
O7 NAG B . -15.37 22.92 28.72
H1 NAG B . -13.30 23.75 27.37
H2 NAG B . -12.01 24.20 29.83
H3 NAG B . -14.53 25.05 28.88
H4 NAG B . -12.66 27.00 29.36
H5 NAG B . -11.92 26.48 26.90
H61 NAG B . -10.61 27.43 28.73
H62 NAG B . -9.81 26.64 27.59
H81 NAG B . -16.05 20.92 30.01
H82 NAG B . -15.25 21.39 31.30
H83 NAG B . -14.54 20.45 30.22
HN2 NAG B . -13.05 22.42 30.63
HO3 NAG B . -14.27 24.87 31.15
HO4 NAG B . -13.57 27.90 27.63
HO6 NAG B . -10.54 25.59 29.97
C1 FUC B . -14.10 24.07 24.58
C2 FUC B . -13.17 25.34 24.36
C3 FUC B . -12.92 25.71 22.89
C4 FUC B . -14.19 25.52 22.05
C5 FUC B . -14.68 24.09 22.23
C6 FUC B . -15.90 23.72 21.39
O2 FUC B . -11.91 25.19 25.02
O3 FUC B . -12.55 27.10 22.86
O4 FUC B . -15.20 26.44 22.44
O5 FUC B . -15.07 23.86 23.58
H1 FUC B . -14.67 24.15 25.52
H2 FUC B . -13.67 26.20 24.83
H3 FUC B . -12.12 25.09 22.49
H4 FUC B . -13.93 25.65 20.98
H5 FUC B . -13.83 23.42 21.98
H61 FUC B . -16.19 22.68 21.59
H62 FUC B . -15.68 23.85 20.34
H63 FUC B . -16.74 24.37 21.67
HO2 FUC B . -11.48 24.45 24.57
HO3 FUC B . -12.29 27.28 21.94
HO4 FUC B . -15.38 26.23 23.36
C1 NAG C . -16.53 -6.32 13.77
C2 NAG C . -17.72 -7.27 13.88
C3 NAG C . -19.04 -6.51 13.83
C4 NAG C . -19.06 -5.35 14.80
C5 NAG C . -17.83 -4.47 14.59
C6 NAG C . -17.72 -3.33 15.58
C7 NAG C . -17.16 -9.47 12.96
C8 NAG C . -17.20 -10.35 11.74
N2 NAG C . -17.68 -8.25 12.82
O3 NAG C . -20.08 -7.42 14.16
O4 NAG C . -20.28 -4.63 14.58
O5 NAG C . -16.64 -5.27 14.74
O6 NAG C . -17.36 -3.78 16.87
O7 NAG C . -16.65 -9.84 14.01
H1 NAG C . -16.51 -5.92 12.87
H2 NAG C . -17.67 -7.74 14.74
H3 NAG C . -19.18 -6.18 12.91
H4 NAG C . -19.05 -5.70 15.70
H5 NAG C . -17.86 -4.10 13.69
H61 NAG C . -17.04 -2.69 15.26
H62 NAG C . -18.57 -2.87 15.63
H81 NAG C . -18.12 -10.48 11.46
H82 NAG C . -16.71 -9.91 11.02
H83 NAG C . -16.80 -11.20 11.94
HN2 NAG C . -18.04 -8.03 12.01
HO3 NAG C . -20.05 -8.12 13.62
C1 NAG C . -20.77 -4.35 15.94
C2 NAG C . -21.93 -3.39 15.91
C3 NAG C . -22.13 -2.91 17.33
C4 NAG C . -22.40 -4.10 18.25
C5 NAG C . -21.53 -5.36 17.97
C6 NAG C . -22.22 -6.63 18.41
C7 NAG C . -20.92 -1.27 15.13
C8 NAG C . -20.93 -0.24 14.05
N2 NAG C . -21.76 -2.30 14.96
O3 NAG C . -23.19 -1.95 17.40
O4 NAG C . -22.13 -3.71 19.59
O5 NAG C . -21.19 -5.57 16.58
O6 NAG C . -21.28 -7.63 18.79
O7 NAG C . -20.19 -1.18 16.12
H1 NAG C . -20.04 -3.95 16.46
H2 NAG C . -22.72 -3.90 15.65
H3 NAG C . -21.31 -2.47 17.63
H4 NAG C . -23.34 -4.35 18.17
H5 NAG C . -20.69 -5.27 18.47
H61 NAG C . -22.76 -6.96 17.68
H62 NAG C . -22.79 -6.43 19.18
H81 NAG C . -20.67 -0.66 13.20
H82 NAG C . -20.28 0.46 14.25
H83 NAG C . -21.81 0.15 13.96
HN2 NAG C . -22.27 -2.30 14.22
HO3 NAG C . -22.92 -1.26 17.89
HO4 NAG C . -21.26 -3.82 19.76
HO6 NAG C . -21.08 -8.13 18.07
C1 NAG D . -15.28 17.90 0.31
C2 NAG D . -14.73 18.81 -0.77
C3 NAG D . -14.44 20.19 -0.17
C4 NAG D . -15.64 20.72 0.61
C5 NAG D . -16.20 19.65 1.56
C6 NAG D . -17.50 20.04 2.24
C7 NAG D . -13.32 18.08 -2.68
C8 NAG D . -12.01 17.48 -3.08
N2 NAG D . -13.53 18.23 -1.36
O3 NAG D . -14.09 21.08 -1.23
O4 NAG D . -15.24 21.81 1.43
O5 NAG D . -16.47 18.45 0.84
O6 NAG D . -18.49 20.38 1.27
O7 NAG D . -14.16 18.42 -3.51
H1 NAG D . -14.62 17.83 1.03
H2 NAG D . -15.41 18.90 -1.46
H3 NAG D . -13.68 20.12 0.43
H4 NAG D . -16.34 21.02 -0.01
H5 NAG D . -15.53 19.46 2.25
H61 NAG D . -17.82 19.29 2.77
H62 NAG D . -17.35 20.81 2.82
H81 NAG D . -11.93 16.59 -2.69
H82 NAG D . -11.28 18.04 -2.76
H83 NAG D . -11.96 17.42 -4.05
HN2 NAG D . -12.86 17.96 -0.80
HO3 NAG D . -13.57 21.72 -0.92
HO6 NAG D . -19.23 20.65 1.69
C1 NAG D . -15.96 23.01 1.17
C2 NAG D . -15.78 23.98 2.35
C3 NAG D . -16.43 25.32 2.05
C4 NAG D . -15.94 25.87 0.72
C5 NAG D . -16.14 24.83 -0.38
C6 NAG D . -15.59 25.26 -1.72
C7 NAG D . -15.59 22.90 4.56
C8 NAG D . -16.35 22.37 5.74
N2 NAG D . -16.33 23.42 3.56
O3 NAG D . -16.12 26.22 3.11
O4 NAG D . -16.68 27.03 0.39
O5 NAG D . -15.47 23.61 -0.02
O6 NAG D . -14.20 24.99 -1.81
O7 NAG D . -14.37 22.86 4.50
H1 NAG D . -16.90 22.81 1.05
H2 NAG D . -14.82 24.12 2.48
H3 NAG D . -17.39 25.20 2.00
H4 NAG D . -14.98 26.08 0.78
H5 NAG D . -17.10 24.65 -0.47
H61 NAG D . -15.74 26.21 -1.84
H62 NAG D . -16.06 24.77 -2.42
H81 NAG D . -16.87 23.09 6.14
H82 NAG D . -16.94 21.66 5.44
H83 NAG D . -15.72 22.02 6.40
HN2 NAG D . -17.24 23.42 3.66
HO3 NAG D . -15.73 26.94 2.77
HO6 NAG D . -13.82 25.10 -1.02
C1 BMA D . -15.81 28.17 0.24
C2 BMA D . -16.72 29.32 -0.12
C3 BMA D . -15.90 30.58 -0.33
C4 BMA D . -14.86 30.83 0.82
C5 BMA D . -14.15 29.53 1.30
C6 BMA D . -13.47 29.69 2.67
O2 BMA D . -17.61 29.58 0.97
O3 BMA D . -16.79 31.69 -0.43
O4 BMA D . -13.87 31.73 0.36
O5 BMA D . -15.10 28.47 1.43
O6 BMA D . -12.32 28.84 2.68
H1 BMA D . -15.08 27.99 -0.58
H2 BMA D . -17.27 29.06 -1.04
H3 BMA D . -15.36 30.52 -1.29
H4 BMA D . -15.40 31.25 1.67
H5 BMA D . -13.37 29.24 0.57
H61 BMA D . -14.20 29.43 3.45
H62 BMA D . -13.20 30.74 2.78
HO2 BMA D . -17.70 30.54 1.02
HO4 BMA D . -13.04 31.44 0.78
C1 MAN D . -16.73 32.50 -1.64
C2 MAN D . -18.12 33.19 -1.76
C3 MAN D . -19.17 32.15 -2.16
C4 MAN D . -18.80 31.44 -3.48
C5 MAN D . -17.35 30.90 -3.49
C6 MAN D . -16.84 30.72 -4.93
O2 MAN D . -18.11 34.19 -2.78
O3 MAN D . -20.49 32.74 -2.28
O4 MAN D . -19.68 30.34 -3.67
O5 MAN D . -16.37 31.78 -2.84
O6 MAN D . -15.66 29.94 -4.89
H1 MAN D . -15.93 33.26 -1.53
H2 MAN D . -18.39 33.63 -0.79
H3 MAN D . -19.24 31.39 -1.37
H4 MAN D . -18.90 32.16 -4.30
H5 MAN D . -17.32 29.92 -3.00
H61 MAN D . -16.66 31.71 -5.36
H62 MAN D . -17.64 30.23 -5.50
HO2 MAN D . -18.88 34.78 -2.66
HO3 MAN D . -21.06 32.02 -2.62
HO4 MAN D . -19.41 29.93 -4.51
HO6 MAN D . -15.14 30.22 -4.12
C1 MAN D . -12.01 28.16 3.95
C2 MAN D . -13.04 26.93 4.17
C3 MAN D . -14.19 27.23 5.17
C4 MAN D . -13.73 28.02 6.38
C5 MAN D . -13.07 29.33 5.95
C6 MAN D . -12.53 30.12 7.14
O2 MAN D . -12.35 25.79 4.70
O3 MAN D . -14.85 26.02 5.60
O4 MAN D . -14.86 28.31 7.20
O5 MAN D . -11.93 29.10 5.08
O6 MAN D . -13.56 31.01 7.61
H1 MAN D . -10.99 27.75 3.90
H2 MAN D . -13.47 26.69 3.19
H3 MAN D . -14.96 27.82 4.65
H4 MAN D . -12.98 27.41 6.93
H5 MAN D . -13.82 29.96 5.44
H61 MAN D . -11.65 30.68 6.81
H62 MAN D . -12.23 29.41 7.90
HO2 MAN D . -12.22 25.14 3.99
HO3 MAN D . -15.75 26.07 5.23
HO4 MAN D . -14.50 28.79 7.96
HO6 MAN D . -13.30 31.31 8.49
C1 NAG E . 18.28 -20.01 -10.57
C2 NAG E . 19.51 -20.35 -9.74
C3 NAG E . 20.62 -20.94 -10.62
C4 NAG E . 20.08 -22.02 -11.55
C5 NAG E . 18.82 -21.52 -12.25
C6 NAG E . 18.16 -22.58 -13.08
C7 NAG E . 20.10 -19.06 -7.74
C8 NAG E . 20.61 -17.74 -7.22
N2 NAG E . 19.99 -19.16 -9.06
O3 NAG E . 21.61 -21.51 -9.77
O4 NAG E . 21.05 -22.35 -12.54
O5 NAG E . 17.85 -21.13 -11.27
O6 NAG E . 18.23 -23.83 -12.41
O7 NAG E . 19.83 -19.99 -6.99
H1 NAG E . 18.50 -19.30 -11.21
H2 NAG E . 19.26 -21.02 -9.07
H3 NAG E . 21.02 -20.24 -11.14
H4 NAG E . 19.87 -22.82 -11.03
H5 NAG E . 19.05 -20.75 -12.80
H61 NAG E . 18.63 -22.65 -13.94
H62 NAG E . 17.23 -22.35 -13.24
H81 NAG E . 20.65 -17.77 -6.25
H82 NAG E . 19.99 -17.04 -7.51
H83 NAG E . 21.50 -17.56 -7.59
HN2 NAG E . 20.21 -18.44 -9.57
HO3 NAG E . 21.39 -21.41 -8.93
C1 NAG E . 21.94 -23.43 -12.17
C2 NAG E . 22.25 -24.22 -13.45
C3 NAG E . 23.21 -25.36 -13.12
C4 NAG E . 24.46 -24.82 -12.43
C5 NAG E . 24.08 -23.98 -11.21
C6 NAG E . 25.27 -23.27 -10.60
C7 NAG E . 20.58 -24.29 -15.24
C8 NAG E . 19.32 -24.93 -15.73
N2 NAG E . 21.04 -24.73 -14.06
O3 NAG E . 23.57 -26.03 -14.32
O4 NAG E . 25.27 -25.91 -12.00
O5 NAG E . 23.15 -22.94 -11.59
O6 NAG E . 25.00 -22.83 -9.27
O7 NAG E . 21.15 -23.42 -15.88
H1 NAG E . 21.49 -24.02 -11.53
H2 NAG E . 22.70 -23.63 -14.07
H3 NAG E . 22.77 -26.00 -12.53
H4 NAG E . 24.96 -24.29 -13.05
H5 NAG E . 23.67 -24.54 -10.54
H61 NAG E . 25.50 -22.50 -11.15
H62 NAG E . 26.03 -23.89 -10.58
H81 NAG E . 19.46 -25.89 -15.84
H82 NAG E . 19.07 -24.55 -16.59
H83 NAG E . 18.60 -24.78 -15.10
HN2 NAG E . 20.57 -25.39 -13.63
HO3 NAG E . 24.45 -26.15 -14.35
HO4 NAG E . 26.00 -25.96 -12.51
HO6 NAG E . 25.76 -22.80 -8.81
C1 FUC E . 16.96 -24.51 -12.48
C2 FUC E . 17.01 -25.72 -11.50
C3 FUC E . 16.52 -25.38 -10.09
C4 FUC E . 15.08 -24.77 -10.12
C5 FUC E . 14.73 -24.10 -11.46
C6 FUC E . 13.87 -24.98 -12.41
O2 FUC E . 18.30 -26.35 -11.47
O3 FUC E . 16.46 -26.61 -9.34
O4 FUC E . 14.13 -25.79 -9.85
O5 FUC E . 15.92 -23.61 -12.16
H1 FUC E . 16.77 -24.83 -13.51
H2 FUC E . 16.33 -26.48 -11.90
H3 FUC E . 17.21 -24.67 -9.62
H4 FUC E . 15.02 -24.00 -9.34
H5 FUC E . 14.15 -23.21 -11.18
H61 FUC E . 13.67 -24.45 -13.35
H62 FUC E . 12.92 -25.24 -11.93
H63 FUC E . 14.40 -25.92 -12.64
HO2 FUC E . 18.86 -25.82 -12.06
HO3 FUC E . 15.62 -26.58 -8.85
HO4 FUC E . 13.28 -25.32 -9.74
ZN ZN F . -1.08 2.49 8.89
ZN ZN G . 2.26 0.96 9.13
C1 GOL H . -2.57 9.42 15.73
O1 GOL H . -2.65 10.10 16.95
C2 GOL H . -1.13 9.12 15.39
O2 GOL H . -0.60 8.16 16.30
C3 GOL H . -1.05 8.59 13.95
O3 GOL H . 0.30 8.22 13.68
H11 GOL H . -3.14 8.50 15.78
H12 GOL H . -3.01 10.04 14.94
HO1 GOL H . -3.58 10.36 17.13
H2 GOL H . -0.55 10.04 15.45
HO2 GOL H . -1.11 7.33 16.23
H31 GOL H . -1.70 7.72 13.83
H32 GOL H . -1.37 9.36 13.25
HO3 GOL H . 0.64 7.67 14.41
C1 GOL I . -15.96 -8.16 -8.26
O1 GOL I . -15.45 -9.45 -8.05
C2 GOL I . -15.59 -7.26 -7.08
O2 GOL I . -15.20 -5.96 -7.54
C3 GOL I . -16.77 -7.22 -6.10
O3 GOL I . -17.47 -6.01 -6.20
H11 GOL I . -15.55 -7.74 -9.18
H12 GOL I . -17.04 -8.20 -8.36
HO1 GOL I . -15.75 -10.05 -8.77
H2 GOL I . -14.75 -7.72 -6.57
HO2 GOL I . -15.96 -5.53 -7.99
H31 GOL I . -17.44 -8.05 -6.31
H32 GOL I . -16.40 -7.35 -5.09
HO3 GOL I . -17.12 -5.38 -5.54
C1 GOL J . 21.59 -4.56 9.61
O1 GOL J . 21.12 -5.68 10.33
C2 GOL J . 23.11 -4.48 9.67
O2 GOL J . 23.53 -3.95 10.91
C3 GOL J . 23.74 -5.86 9.50
O3 GOL J . 25.09 -5.80 9.91
H11 GOL J . 21.26 -4.63 8.58
H12 GOL J . 21.15 -3.65 10.04
HO1 GOL J . 20.15 -5.69 10.34
H2 GOL J . 23.45 -3.84 8.86
HO2 GOL J . 23.24 -4.56 11.64
H31 GOL J . 23.21 -6.60 10.09
H32 GOL J . 23.70 -6.16 8.45
HO3 GOL J . 25.16 -5.26 10.72
C1 GOL K . -13.08 2.09 -15.01
O1 GOL K . -13.14 1.43 -13.76
C2 GOL K . -12.60 3.52 -14.81
O2 GOL K . -11.84 3.91 -15.94
C3 GOL K . -13.78 4.46 -14.52
O3 GOL K . -13.57 5.71 -15.13
H11 GOL K . -12.40 1.55 -15.67
H12 GOL K . -14.07 2.10 -15.47
H2 GOL K . -11.95 3.53 -13.92
HO2 GOL K . -12.42 3.91 -16.73
H31 GOL K . -14.70 4.01 -14.91
H32 GOL K . -13.89 4.58 -13.44
HO3 GOL K . -14.40 6.22 -15.12
PB AP2 L . 1.37 3.29 10.32
O1B AP2 L . 0.05 3.49 11.02
O2B AP2 L . 2.28 2.26 10.88
O3B AP2 L . 1.00 2.87 8.84
C3A AP2 L . 2.30 4.86 10.11
PA AP2 L . 2.39 5.62 11.79
O1A AP2 L . 1.16 6.51 11.97
O2A AP2 L . 2.36 4.45 12.75
O5' AP2 L . 3.70 6.62 11.88
C5' AP2 L . 5.04 6.20 11.86
C4' AP2 L . 5.88 7.35 12.35
O4' AP2 L . 6.19 8.19 11.41
C3' AP2 L . 5.04 8.24 13.50
O3' AP2 L . 5.97 8.74 14.50
C2' AP2 L . 4.47 9.21 12.88
O2' AP2 L . 4.37 10.41 13.78
C1' AP2 L . 5.40 9.53 11.65
N9 AP2 L . 4.77 9.88 10.54
C8 AP2 L . 4.15 9.01 9.76
N7 AP2 L . 3.63 9.62 8.70
C5 AP2 L . 3.92 10.92 8.77
C6 AP2 L . 3.65 12.04 7.94
N6 AP2 L . 2.90 11.84 6.71
N1 AP2 L . 4.10 13.25 8.30
C2 AP2 L . 4.79 13.39 9.44
N3 AP2 L . 5.06 12.34 10.23
C4 AP2 L . 4.64 11.10 9.93
H3A1 AP2 L . 3.19 4.67 9.78
H3A2 AP2 L . 1.84 5.44 9.50
H5'1 AP2 L . 5.29 5.97 10.95
H5'2 AP2 L . 5.16 5.44 12.44
H4' AP2 L . 6.68 7.03 12.74
H3' AP2 L . 4.39 7.69 13.90
HO3' AP2 L . 5.57 8.79 15.25
H2' AP2 L . 3.62 8.94 12.58
HO2' AP2 L . 5.12 10.56 14.14
H1' AP2 L . 6.01 10.20 11.90
H8 AP2 L . 4.07 8.09 9.93
HN61 AP2 L . 2.63 11.04 6.49
HN62 AP2 L . 2.73 12.50 6.19
H2 AP2 L . 5.10 14.23 9.68
#